data_1QUP
#
_entry.id   1QUP
#
_cell.length_a   87.450
_cell.length_b   111.450
_cell.length_c   52.800
_cell.angle_alpha   90.00
_cell.angle_beta   90.00
_cell.angle_gamma   90.00
#
_symmetry.space_group_name_H-M   'P 21 21 2'
#
loop_
_entity.id
_entity.type
_entity.pdbx_description
1 polymer 'SUPEROXIDE DISMUTASE 1 COPPER CHAPERONE'
2 non-polymer 'SULFATE ION'
3 water water
#
_entity_poly.entity_id   1
_entity_poly.type   'polypeptide(L)'
_entity_poly.pdbx_seq_one_letter_code
;TTNDTYEATYAIP(MSE)HCENCVNDIKACLKNVPGINSLNFDIEQQI(MSE)SVESSVAPSTIINTLRNCGKDAIIRGA
GKPNSSAVAILETFQKYTIDQKKDTAVRGLARIVQVGENKTLFDITVNGVPEAGNYHASIHEKGDVSKGVESTGKVWHKF
DEPIECFNESDLGKNLYSGKTFLSAPLPTWQLIGRSFVISKSLNHPENEPSSVKDYSFLGVIARSAGVWE
;
_entity_poly.pdbx_strand_id   A,B
#
loop_
_chem_comp.id
_chem_comp.type
_chem_comp.name
_chem_comp.formula
SO4 non-polymer 'SULFATE ION' 'O4 S -2'
#
# COMPACT_ATOMS: atom_id res chain seq x y z
N THR A 1 16.20 -32.18 -1.42
CA THR A 1 14.81 -32.23 -0.89
C THR A 1 13.92 -31.25 -1.66
N THR A 2 12.61 -31.40 -1.50
CA THR A 2 11.67 -30.55 -2.21
C THR A 2 11.75 -29.06 -1.87
N ASN A 3 12.11 -28.72 -0.63
CA ASN A 3 12.21 -27.31 -0.27
C ASN A 3 13.38 -26.62 -0.97
N ASP A 4 14.30 -27.42 -1.52
CA ASP A 4 15.47 -26.87 -2.21
C ASP A 4 15.20 -26.51 -3.66
N THR A 5 14.10 -27.02 -4.21
CA THR A 5 13.74 -26.73 -5.60
C THR A 5 12.50 -25.86 -5.63
N TYR A 6 12.43 -24.96 -6.61
CA TYR A 6 11.27 -24.08 -6.74
C TYR A 6 10.98 -23.65 -8.18
N GLU A 7 9.83 -23.01 -8.34
CA GLU A 7 9.35 -22.55 -9.64
C GLU A 7 9.47 -21.04 -9.85
N ALA A 8 10.04 -20.64 -10.99
CA ALA A 8 10.21 -19.22 -11.30
C ALA A 8 9.86 -18.91 -12.76
N THR A 9 9.13 -17.83 -12.98
CA THR A 9 8.74 -17.45 -14.35
C THR A 9 9.40 -16.16 -14.80
N TYR A 10 9.94 -16.17 -16.02
CA TYR A 10 10.61 -15.00 -16.56
C TYR A 10 10.06 -14.57 -17.90
N ALA A 11 9.93 -13.26 -18.09
CA ALA A 11 9.47 -12.71 -19.35
C ALA A 11 10.73 -12.49 -20.17
N ILE A 12 10.76 -13.07 -21.37
CA ILE A 12 11.92 -12.95 -22.25
C ILE A 12 11.44 -12.88 -23.69
N PRO A 13 11.91 -11.88 -24.45
CA PRO A 13 11.47 -11.79 -25.84
C PRO A 13 11.86 -13.05 -26.61
N MSE A 14 10.89 -13.72 -27.22
CA MSE A 14 11.17 -14.94 -27.94
C MSE A 14 10.27 -15.19 -29.16
O MSE A 14 9.70 -16.27 -29.31
CB MSE A 14 11.06 -16.14 -26.99
CG MSE A 14 9.70 -16.29 -26.33
SE MSE A 14 9.64 -17.59 -25.07
CE MSE A 14 9.13 -19.01 -26.05
N HIS A 15 10.16 -14.19 -30.03
CA HIS A 15 9.36 -14.34 -31.23
C HIS A 15 10.17 -14.87 -32.40
N CYS A 16 11.48 -14.63 -32.37
CA CYS A 16 12.35 -15.08 -33.45
C CYS A 16 12.56 -16.58 -33.52
N GLU A 17 12.80 -17.07 -34.74
CA GLU A 17 13.00 -18.49 -35.00
C GLU A 17 13.95 -19.18 -34.03
N ASN A 18 15.18 -18.70 -33.95
CA ASN A 18 16.17 -19.31 -33.07
C ASN A 18 16.05 -18.85 -31.63
N CYS A 19 15.12 -17.94 -31.37
CA CYS A 19 14.91 -17.40 -30.03
C CYS A 19 14.88 -18.44 -28.91
N VAL A 20 13.97 -19.40 -28.99
CA VAL A 20 13.89 -20.44 -27.97
C VAL A 20 15.15 -21.31 -27.95
N ASN A 21 15.63 -21.69 -29.12
CA ASN A 21 16.83 -22.52 -29.21
C ASN A 21 18.03 -21.90 -28.50
N ASP A 22 18.23 -20.60 -28.72
CA ASP A 22 19.35 -19.89 -28.10
C ASP A 22 19.21 -19.86 -26.58
N ILE A 23 17.99 -19.72 -26.09
CA ILE A 23 17.79 -19.69 -24.64
C ILE A 23 18.12 -21.05 -24.06
N LYS A 24 17.75 -22.11 -24.75
CA LYS A 24 18.05 -23.46 -24.28
C LYS A 24 19.57 -23.70 -24.26
N ALA A 25 20.27 -23.23 -25.29
CA ALA A 25 21.71 -23.41 -25.32
C ALA A 25 22.34 -22.59 -24.19
N CYS A 26 21.78 -21.42 -23.96
CA CYS A 26 22.28 -20.53 -22.92
C CYS A 26 22.27 -21.19 -21.55
N LEU A 27 21.20 -21.93 -21.25
CA LEU A 27 21.04 -22.58 -19.95
C LEU A 27 21.38 -24.06 -19.89
N LYS A 28 21.73 -24.66 -21.02
CA LYS A 28 22.03 -26.10 -21.05
C LYS A 28 23.02 -26.62 -20.02
N ASN A 29 24.07 -25.85 -19.74
CA ASN A 29 25.10 -26.29 -18.82
C ASN A 29 25.01 -25.77 -17.39
N VAL A 30 23.90 -25.10 -17.07
CA VAL A 30 23.69 -24.58 -15.73
C VAL A 30 23.23 -25.72 -14.81
N PRO A 31 24.04 -26.07 -13.80
CA PRO A 31 23.64 -27.15 -12.91
C PRO A 31 22.44 -26.80 -12.05
N GLY A 32 21.65 -27.81 -11.68
CA GLY A 32 20.50 -27.59 -10.83
C GLY A 32 19.16 -27.29 -11.47
N ILE A 33 19.09 -27.33 -12.80
CA ILE A 33 17.81 -27.06 -13.48
C ILE A 33 17.08 -28.38 -13.74
N ASN A 34 15.82 -28.44 -13.32
CA ASN A 34 15.01 -29.64 -13.54
C ASN A 34 14.22 -29.52 -14.83
N SER A 35 13.69 -28.33 -15.11
CA SER A 35 12.95 -28.14 -16.35
C SER A 35 12.82 -26.69 -16.80
N LEU A 36 12.68 -26.54 -18.12
CA LEU A 36 12.52 -25.25 -18.76
C LEU A 36 11.29 -25.40 -19.65
N ASN A 37 10.29 -24.56 -19.44
CA ASN A 37 9.09 -24.60 -20.26
C ASN A 37 8.80 -23.24 -20.84
N PHE A 38 8.53 -23.22 -22.14
CA PHE A 38 8.28 -21.98 -22.86
C PHE A 38 6.87 -21.80 -23.38
N ASP A 39 6.43 -20.54 -23.40
CA ASP A 39 5.13 -20.15 -23.92
C ASP A 39 5.47 -19.04 -24.89
N ILE A 40 5.70 -19.41 -26.15
CA ILE A 40 6.07 -18.46 -27.20
C ILE A 40 5.09 -17.30 -27.32
N GLU A 41 3.80 -17.61 -27.32
CA GLU A 41 2.76 -16.58 -27.43
C GLU A 41 2.94 -15.48 -26.39
N GLN A 42 2.99 -15.88 -25.12
CA GLN A 42 3.15 -14.93 -24.03
C GLN A 42 4.60 -14.52 -23.84
N GLN A 43 5.51 -15.23 -24.50
CA GLN A 43 6.94 -14.94 -24.39
C GLN A 43 7.43 -15.00 -22.96
N ILE A 44 7.16 -16.12 -22.30
CA ILE A 44 7.58 -16.33 -20.93
C ILE A 44 8.17 -17.73 -20.79
N MSE A 45 9.12 -17.87 -19.88
CA MSE A 45 9.78 -19.16 -19.64
C MSE A 45 9.67 -19.51 -18.16
O MSE A 45 10.04 -18.71 -17.29
CB MSE A 45 11.25 -19.08 -20.05
CG MSE A 45 12.08 -20.31 -19.66
SE MSE A 45 13.89 -20.12 -19.94
CE MSE A 45 14.33 -19.02 -18.57
N SER A 46 9.18 -20.71 -17.88
CA SER A 46 9.05 -21.20 -16.51
C SER A 46 10.23 -22.11 -16.23
N VAL A 47 10.88 -21.89 -15.11
CA VAL A 47 12.05 -22.69 -14.75
C VAL A 47 11.89 -23.31 -13.38
N GLU A 48 12.01 -24.64 -13.30
CA GLU A 48 11.94 -25.33 -12.03
C GLU A 48 13.38 -25.73 -11.74
N SER A 49 13.93 -25.25 -10.63
CA SER A 49 15.31 -25.57 -10.31
C SER A 49 15.63 -25.26 -8.86
N SER A 50 16.89 -25.44 -8.52
CA SER A 50 17.40 -25.13 -7.19
C SER A 50 18.43 -24.04 -7.43
N VAL A 51 18.27 -23.35 -8.57
CA VAL A 51 19.17 -22.29 -8.98
C VAL A 51 18.63 -20.91 -8.62
N ALA A 52 19.47 -20.10 -7.96
CA ALA A 52 19.08 -18.75 -7.56
C ALA A 52 18.72 -17.94 -8.80
N PRO A 53 17.58 -17.23 -8.75
CA PRO A 53 17.13 -16.41 -9.88
C PRO A 53 18.19 -15.44 -10.41
N SER A 54 19.06 -14.95 -9.52
CA SER A 54 20.09 -14.04 -9.94
C SER A 54 21.01 -14.77 -10.92
N THR A 55 21.16 -16.08 -10.69
CA THR A 55 22.00 -16.92 -11.55
C THR A 55 21.35 -17.12 -12.91
N ILE A 56 20.05 -17.42 -12.92
CA ILE A 56 19.33 -17.61 -14.17
C ILE A 56 19.36 -16.30 -14.94
N ILE A 57 19.04 -15.21 -14.25
CA ILE A 57 19.04 -13.88 -14.88
C ILE A 57 20.43 -13.47 -15.33
N ASN A 58 21.43 -13.77 -14.51
CA ASN A 58 22.82 -13.45 -14.81
C ASN A 58 23.30 -14.19 -16.04
N THR A 59 22.97 -15.47 -16.11
CA THR A 59 23.38 -16.29 -17.25
C THR A 59 22.69 -15.80 -18.51
N LEU A 60 21.38 -15.53 -18.43
CA LEU A 60 20.65 -15.03 -19.58
C LEU A 60 21.25 -13.72 -20.06
N ARG A 61 21.65 -12.87 -19.11
CA ARG A 61 22.26 -11.59 -19.45
C ARG A 61 23.57 -11.86 -20.21
N ASN A 62 24.33 -12.86 -19.77
CA ASN A 62 25.59 -13.20 -20.44
C ASN A 62 25.31 -13.65 -21.87
N CYS A 63 24.08 -14.06 -22.15
CA CYS A 63 23.68 -14.51 -23.49
C CYS A 63 22.97 -13.39 -24.25
N GLY A 64 23.04 -12.17 -23.72
CA GLY A 64 22.40 -11.04 -24.36
C GLY A 64 20.89 -11.03 -24.32
N LYS A 65 20.31 -11.78 -23.38
CA LYS A 65 18.87 -11.85 -23.24
C LYS A 65 18.47 -11.13 -21.96
N ASP A 66 17.48 -10.25 -22.07
CA ASP A 66 17.02 -9.50 -20.90
C ASP A 66 15.81 -10.22 -20.30
N ALA A 67 16.03 -10.91 -19.19
CA ALA A 67 14.96 -11.62 -18.52
C ALA A 67 14.43 -10.79 -17.35
N ILE A 68 13.10 -10.66 -17.29
CA ILE A 68 12.47 -9.88 -16.24
C ILE A 68 11.53 -10.78 -15.45
N ILE A 69 11.66 -10.79 -14.13
CA ILE A 69 10.80 -11.61 -13.28
C ILE A 69 9.35 -11.30 -13.60
N ARG A 70 8.50 -12.31 -13.49
CA ARG A 70 7.09 -12.15 -13.79
C ARG A 70 6.26 -13.05 -12.88
N GLY A 71 5.07 -12.60 -12.52
CA GLY A 71 4.20 -13.39 -11.67
C GLY A 71 3.71 -14.60 -12.42
N ALA A 72 3.46 -15.69 -11.68
CA ALA A 72 2.99 -16.93 -12.28
C ALA A 72 1.50 -17.14 -12.03
N GLY A 73 0.82 -16.06 -11.63
CA GLY A 73 -0.60 -16.15 -11.37
C GLY A 73 -1.04 -16.83 -10.09
N LYS A 74 -0.09 -17.31 -9.29
CA LYS A 74 -0.47 -17.96 -8.04
C LYS A 74 -0.91 -16.88 -7.05
N PRO A 75 -1.87 -17.20 -6.17
CA PRO A 75 -2.39 -16.24 -5.19
C PRO A 75 -1.38 -15.54 -4.26
N ASN A 76 -1.58 -14.23 -4.10
CA ASN A 76 -0.75 -13.40 -3.23
C ASN A 76 0.73 -13.65 -3.42
N SER A 77 1.18 -13.74 -4.68
CA SER A 77 2.60 -14.00 -4.94
C SER A 77 3.39 -12.82 -5.49
N SER A 78 2.71 -11.88 -6.14
CA SER A 78 3.41 -10.73 -6.71
C SER A 78 3.02 -9.44 -6.02
N ALA A 79 3.95 -8.48 -6.04
CA ALA A 79 3.71 -7.20 -5.40
C ALA A 79 4.48 -6.10 -6.10
N VAL A 80 4.14 -4.87 -5.79
CA VAL A 80 4.81 -3.73 -6.37
C VAL A 80 4.82 -2.59 -5.38
N ALA A 81 5.84 -1.75 -5.45
CA ALA A 81 5.90 -0.59 -4.56
C ALA A 81 6.40 0.57 -5.41
N ILE A 82 5.55 1.58 -5.55
CA ILE A 82 5.89 2.79 -6.30
C ILE A 82 6.53 3.71 -5.26
N LEU A 83 7.79 4.04 -5.49
CA LEU A 83 8.56 4.84 -4.54
C LEU A 83 8.59 6.32 -4.88
N GLU A 84 8.09 7.13 -3.95
CA GLU A 84 8.04 8.59 -4.12
C GLU A 84 8.64 9.28 -2.91
N THR A 85 9.06 10.52 -3.09
CA THR A 85 9.60 11.30 -1.99
C THR A 85 8.36 11.80 -1.25
N PHE A 86 8.49 12.07 0.04
CA PHE A 86 7.36 12.56 0.81
C PHE A 86 7.62 13.91 1.45
N GLN A 87 8.58 14.63 0.90
CA GLN A 87 8.92 15.96 1.39
C GLN A 87 9.72 16.69 0.33
N LYS A 88 9.89 17.99 0.52
CA LYS A 88 10.64 18.79 -0.43
C LYS A 88 12.12 18.73 -0.07
N TYR A 89 12.97 18.77 -1.10
CA TYR A 89 14.41 18.76 -0.91
C TYR A 89 14.98 19.88 -1.76
N THR A 90 15.94 20.61 -1.20
CA THR A 90 16.55 21.71 -1.93
C THR A 90 17.16 21.20 -3.24
N ILE A 91 17.73 19.99 -3.19
CA ILE A 91 18.37 19.39 -4.34
C ILE A 91 17.42 18.77 -5.37
N ASP A 92 16.24 18.35 -4.92
CA ASP A 92 15.28 17.74 -5.84
C ASP A 92 14.32 18.79 -6.38
N GLN A 93 14.55 19.20 -7.63
CA GLN A 93 13.73 20.21 -8.27
C GLN A 93 12.70 19.66 -9.26
N LYS A 94 12.60 18.33 -9.34
CA LYS A 94 11.64 17.70 -10.23
C LYS A 94 10.26 17.81 -9.59
N LYS A 95 9.43 18.68 -10.13
CA LYS A 95 8.09 18.93 -9.59
C LYS A 95 6.94 18.22 -10.29
N ASP A 96 7.15 17.73 -11.51
CA ASP A 96 6.08 17.06 -12.23
C ASP A 96 5.56 15.84 -11.47
N THR A 97 6.45 15.13 -10.77
CA THR A 97 6.05 13.96 -10.01
C THR A 97 7.03 13.71 -8.87
N ALA A 98 6.56 13.02 -7.83
CA ALA A 98 7.39 12.70 -6.68
C ALA A 98 7.97 11.29 -6.82
N VAL A 99 7.54 10.56 -7.86
CA VAL A 99 8.02 9.20 -8.08
C VAL A 99 9.51 9.20 -8.48
N ARG A 100 10.29 8.34 -7.84
CA ARG A 100 11.73 8.26 -8.13
C ARG A 100 12.19 6.81 -8.32
N GLY A 101 11.31 5.86 -8.07
CA GLY A 101 11.70 4.47 -8.24
C GLY A 101 10.53 3.50 -8.24
N LEU A 102 10.83 2.24 -8.51
CA LEU A 102 9.82 1.19 -8.55
C LEU A 102 10.42 -0.12 -8.09
N ALA A 103 9.69 -0.84 -7.26
CA ALA A 103 10.16 -2.15 -6.82
C ALA A 103 9.13 -3.17 -7.30
N ARG A 104 9.56 -4.12 -8.12
CA ARG A 104 8.68 -5.17 -8.62
C ARG A 104 9.11 -6.40 -7.83
N ILE A 105 8.11 -7.09 -7.26
CA ILE A 105 8.37 -8.23 -6.39
C ILE A 105 7.61 -9.49 -6.77
N VAL A 106 8.33 -10.62 -6.80
CA VAL A 106 7.71 -11.89 -7.11
C VAL A 106 8.25 -12.97 -6.18
N GLN A 107 7.35 -13.76 -5.64
CA GLN A 107 7.73 -14.84 -4.75
C GLN A 107 7.92 -16.10 -5.58
N VAL A 108 9.05 -16.77 -5.35
CA VAL A 108 9.34 -18.02 -6.02
C VAL A 108 9.54 -19.02 -4.88
N GLY A 109 8.82 -20.13 -4.94
CA GLY A 109 8.95 -21.09 -3.87
C GLY A 109 8.18 -20.60 -2.67
N GLU A 110 8.33 -21.30 -1.57
CA GLU A 110 7.61 -21.00 -0.34
C GLU A 110 8.18 -19.86 0.51
N ASN A 111 9.48 -19.63 0.43
CA ASN A 111 10.08 -18.59 1.26
C ASN A 111 11.21 -17.88 0.55
N LYS A 112 10.94 -17.43 -0.67
CA LYS A 112 11.93 -16.71 -1.46
C LYS A 112 11.25 -15.65 -2.31
N THR A 113 11.77 -14.43 -2.27
CA THR A 113 11.22 -13.34 -3.07
C THR A 113 12.34 -12.62 -3.81
N LEU A 114 12.05 -12.24 -5.06
CA LEU A 114 12.99 -11.54 -5.91
C LEU A 114 12.50 -10.11 -6.07
N PHE A 115 13.41 -9.15 -6.03
CA PHE A 115 13.07 -7.74 -6.15
C PHE A 115 13.78 -7.09 -7.34
N ASP A 116 13.01 -6.61 -8.30
CA ASP A 116 13.53 -5.92 -9.49
C ASP A 116 13.35 -4.46 -9.13
N ILE A 117 14.46 -3.81 -8.79
CA ILE A 117 14.44 -2.41 -8.36
C ILE A 117 15.00 -1.44 -9.38
N THR A 118 14.24 -0.38 -9.63
CA THR A 118 14.66 0.65 -10.57
C THR A 118 14.61 2.01 -9.89
N VAL A 119 15.66 2.81 -10.11
CA VAL A 119 15.72 4.16 -9.56
C VAL A 119 15.92 5.06 -10.76
N ASN A 120 15.14 6.13 -10.83
CA ASN A 120 15.26 7.02 -11.97
C ASN A 120 14.83 8.44 -11.64
N GLY A 121 15.73 9.39 -11.87
CA GLY A 121 15.40 10.77 -11.62
C GLY A 121 15.88 11.35 -10.31
N VAL A 122 16.89 10.74 -9.67
CA VAL A 122 17.39 11.30 -8.42
C VAL A 122 18.44 12.35 -8.75
N PRO A 123 18.43 13.47 -8.02
CA PRO A 123 19.35 14.59 -8.22
C PRO A 123 20.81 14.39 -7.79
N GLU A 124 21.06 13.43 -6.90
CA GLU A 124 22.40 13.17 -6.42
C GLU A 124 22.90 11.78 -6.77
N ALA A 125 23.98 11.71 -7.53
CA ALA A 125 24.54 10.41 -7.91
C ALA A 125 25.09 9.73 -6.66
N GLY A 126 25.15 8.41 -6.67
CA GLY A 126 25.67 7.70 -5.52
C GLY A 126 25.08 6.33 -5.25
N ASN A 127 25.48 5.74 -4.13
CA ASN A 127 24.99 4.43 -3.72
C ASN A 127 23.75 4.58 -2.85
N TYR A 128 22.64 4.00 -3.28
CA TYR A 128 21.42 4.08 -2.50
C TYR A 128 21.19 2.75 -1.78
N HIS A 129 20.42 2.79 -0.70
CA HIS A 129 20.18 1.61 0.11
C HIS A 129 18.70 1.33 0.30
N ALA A 130 18.33 0.06 0.16
CA ALA A 130 16.93 -0.35 0.30
C ALA A 130 16.67 -1.15 1.58
N SER A 131 15.47 -0.99 2.11
CA SER A 131 15.05 -1.70 3.30
C SER A 131 13.53 -1.75 3.30
N ILE A 132 12.98 -2.59 4.14
CA ILE A 132 11.55 -2.68 4.28
C ILE A 132 11.29 -2.28 5.73
N HIS A 133 10.38 -1.33 5.94
CA HIS A 133 10.07 -0.92 7.30
C HIS A 133 8.81 -1.65 7.76
N GLU A 134 8.67 -1.79 9.07
CA GLU A 134 7.57 -2.52 9.68
C GLU A 134 6.15 -2.15 9.22
N LYS A 135 5.82 -0.87 9.22
CA LYS A 135 4.50 -0.45 8.83
C LYS A 135 4.49 0.22 7.45
N GLY A 136 3.31 0.35 6.87
CA GLY A 136 3.21 0.97 5.56
C GLY A 136 2.53 2.32 5.62
N ASP A 137 2.36 2.83 6.84
CA ASP A 137 1.72 4.12 7.05
C ASP A 137 2.65 5.24 6.59
N VAL A 138 2.29 5.91 5.51
CA VAL A 138 3.12 6.98 4.98
C VAL A 138 2.52 8.36 5.27
N SER A 139 1.65 8.42 6.28
CA SER A 139 1.01 9.68 6.63
C SER A 139 2.05 10.73 6.99
N LYS A 140 3.19 10.28 7.51
CA LYS A 140 4.28 11.18 7.88
C LYS A 140 5.57 10.80 7.16
N GLY A 141 5.44 10.21 5.98
CA GLY A 141 6.62 9.81 5.22
C GLY A 141 7.30 8.63 5.89
N VAL A 142 8.62 8.61 5.88
CA VAL A 142 9.38 7.54 6.51
C VAL A 142 9.15 7.46 8.01
N GLU A 143 8.94 8.62 8.64
CA GLU A 143 8.72 8.66 10.08
C GLU A 143 7.62 7.73 10.57
N SER A 144 6.49 7.72 9.87
CA SER A 144 5.36 6.88 10.28
C SER A 144 5.45 5.41 9.90
N THR A 145 6.49 5.01 9.17
CA THR A 145 6.64 3.62 8.77
C THR A 145 7.28 2.73 9.83
N GLY A 146 7.68 3.33 10.94
CA GLY A 146 8.29 2.55 12.01
C GLY A 146 9.72 2.09 11.76
N LYS A 147 10.14 1.09 12.51
CA LYS A 147 11.50 0.56 12.43
C LYS A 147 11.81 -0.29 11.20
N VAL A 148 13.11 -0.42 10.92
CA VAL A 148 13.57 -1.23 9.80
C VAL A 148 13.18 -2.65 10.16
N TRP A 149 12.55 -3.33 9.20
CA TRP A 149 12.08 -4.69 9.41
C TRP A 149 12.97 -5.69 8.65
N HIS A 150 13.51 -5.26 7.52
CA HIS A 150 14.43 -6.08 6.73
C HIS A 150 15.36 -5.12 6.00
N LYS A 151 16.67 -5.36 6.13
CA LYS A 151 17.64 -4.51 5.45
C LYS A 151 18.29 -5.29 4.32
N PHE A 152 18.44 -4.66 3.16
CA PHE A 152 19.10 -5.30 2.02
C PHE A 152 20.52 -4.76 2.05
N ASP A 153 21.51 -5.65 2.07
CA ASP A 153 22.89 -5.21 2.13
C ASP A 153 23.46 -4.68 0.81
N GLU A 154 23.02 -5.27 -0.30
CA GLU A 154 23.51 -4.85 -1.63
C GLU A 154 23.05 -3.43 -1.99
N PRO A 155 24.01 -2.52 -2.17
CA PRO A 155 23.67 -1.14 -2.52
C PRO A 155 23.10 -1.05 -3.94
N ILE A 156 22.41 0.05 -4.22
CA ILE A 156 21.85 0.28 -5.55
C ILE A 156 22.69 1.41 -6.11
N GLU A 157 23.55 1.08 -7.07
CA GLU A 157 24.43 2.08 -7.67
C GLU A 157 23.70 2.95 -8.69
N CYS A 158 23.67 4.25 -8.43
CA CYS A 158 22.98 5.17 -9.31
C CYS A 158 23.92 6.22 -9.85
N PHE A 159 24.56 5.91 -10.98
CA PHE A 159 25.50 6.83 -11.61
C PHE A 159 25.19 7.04 -13.09
N ASN A 160 24.17 6.35 -13.60
CA ASN A 160 23.78 6.48 -15.01
C ASN A 160 22.96 7.73 -15.26
N GLU A 161 23.05 8.28 -16.47
CA GLU A 161 22.28 9.47 -16.80
C GLU A 161 20.81 9.06 -16.90
N SER A 162 19.93 9.86 -16.30
CA SER A 162 18.50 9.55 -16.33
C SER A 162 17.85 9.97 -17.64
N ASP A 163 16.87 9.17 -18.11
CA ASP A 163 16.17 9.50 -19.34
C ASP A 163 15.02 10.45 -19.01
N LEU A 164 15.04 10.97 -17.79
CA LEU A 164 14.01 11.91 -17.33
C LEU A 164 14.62 13.30 -17.19
N GLY A 165 15.95 13.36 -17.17
CA GLY A 165 16.63 14.63 -17.04
C GLY A 165 18.12 14.47 -17.29
N LYS A 166 18.68 15.35 -18.12
CA LYS A 166 20.10 15.30 -18.45
C LYS A 166 20.99 15.44 -17.21
N ASN A 167 20.45 16.02 -16.15
CA ASN A 167 21.20 16.22 -14.92
C ASN A 167 20.78 15.30 -13.76
N LEU A 168 19.94 14.31 -14.05
CA LEU A 168 19.47 13.38 -13.04
C LEU A 168 20.16 12.02 -13.22
N TYR A 169 20.06 11.16 -12.21
CA TYR A 169 20.69 9.85 -12.27
C TYR A 169 19.71 8.69 -12.11
N SER A 170 20.14 7.52 -12.57
CA SER A 170 19.31 6.33 -12.49
C SER A 170 20.17 5.13 -12.11
N GLY A 171 19.51 4.07 -11.66
CA GLY A 171 20.24 2.88 -11.27
C GLY A 171 19.26 1.72 -11.23
N LYS A 172 19.79 0.51 -11.22
CA LYS A 172 18.95 -0.69 -11.19
C LYS A 172 19.70 -1.78 -10.47
N THR A 173 18.95 -2.66 -9.82
CA THR A 173 19.58 -3.77 -9.09
C THR A 173 18.56 -4.89 -8.97
N PHE A 174 19.04 -6.10 -8.73
CA PHE A 174 18.15 -7.23 -8.57
C PHE A 174 18.54 -7.84 -7.23
N LEU A 175 17.58 -7.92 -6.32
CA LEU A 175 17.84 -8.47 -4.99
C LEU A 175 16.92 -9.64 -4.69
N SER A 176 17.21 -10.33 -3.59
CA SER A 176 16.39 -11.46 -3.18
C SER A 176 16.37 -11.46 -1.68
N ALA A 177 15.43 -12.17 -1.09
CA ALA A 177 15.33 -12.25 0.35
C ALA A 177 14.59 -13.53 0.69
N PRO A 178 14.90 -14.12 1.84
CA PRO A 178 14.26 -15.36 2.31
C PRO A 178 12.97 -14.96 3.00
N LEU A 179 12.08 -14.36 2.23
CA LEU A 179 10.80 -13.91 2.76
C LEU A 179 9.73 -14.16 1.72
N PRO A 180 8.50 -14.43 2.18
CA PRO A 180 7.41 -14.67 1.23
C PRO A 180 6.65 -13.35 1.05
N THR A 181 5.91 -13.24 -0.04
CA THR A 181 5.16 -12.02 -0.28
C THR A 181 4.15 -11.68 0.81
N TRP A 182 3.50 -12.68 1.40
CA TRP A 182 2.53 -12.38 2.44
C TRP A 182 3.13 -11.64 3.66
N GLN A 183 4.45 -11.71 3.83
CA GLN A 183 5.08 -11.02 4.94
C GLN A 183 5.48 -9.60 4.54
N LEU A 184 5.48 -9.34 3.24
CA LEU A 184 5.87 -8.05 2.70
C LEU A 184 4.73 -7.08 2.44
N ILE A 185 3.60 -7.59 1.98
CA ILE A 185 2.48 -6.72 1.65
C ILE A 185 2.00 -5.86 2.82
N GLY A 186 1.68 -4.60 2.53
CA GLY A 186 1.21 -3.69 3.55
C GLY A 186 2.33 -2.95 4.26
N ARG A 187 3.56 -3.42 4.09
CA ARG A 187 4.69 -2.76 4.72
C ARG A 187 5.21 -1.71 3.73
N SER A 188 6.29 -1.03 4.09
CA SER A 188 6.82 -0.02 3.19
C SER A 188 8.19 -0.38 2.67
N PHE A 189 8.42 -0.07 1.40
CA PHE A 189 9.71 -0.32 0.77
C PHE A 189 10.35 1.07 0.74
N VAL A 190 11.57 1.18 1.29
CA VAL A 190 12.25 2.46 1.38
C VAL A 190 13.65 2.44 0.78
N ILE A 191 13.98 3.44 -0.01
CA ILE A 191 15.32 3.56 -0.56
C ILE A 191 15.83 4.92 -0.13
N SER A 192 17.06 4.98 0.39
CA SER A 192 17.59 6.25 0.85
C SER A 192 19.10 6.36 0.69
N LYS A 193 19.60 7.58 0.86
CA LYS A 193 21.01 7.86 0.79
C LYS A 193 21.24 9.11 1.62
N SER A 194 22.36 9.15 2.33
CA SER A 194 22.67 10.33 3.13
C SER A 194 22.87 11.50 2.17
N LEU A 195 22.29 12.65 2.50
CA LEU A 195 22.43 13.85 1.68
C LEU A 195 23.89 14.31 1.72
N ASN A 196 24.42 14.71 0.57
CA ASN A 196 25.81 15.18 0.51
C ASN A 196 26.00 16.49 1.28
N HIS A 197 25.00 17.36 1.21
CA HIS A 197 25.07 18.67 1.83
C HIS A 197 23.84 18.98 2.69
N PRO A 198 23.70 18.30 3.83
CA PRO A 198 22.54 18.51 4.72
C PRO A 198 22.37 19.94 5.23
N GLU A 199 23.44 20.73 5.20
CA GLU A 199 23.37 22.11 5.67
C GLU A 199 22.39 22.94 4.86
N ASN A 200 22.35 22.69 3.55
CA ASN A 200 21.47 23.42 2.66
C ASN A 200 20.01 22.96 2.70
N GLU A 201 19.73 21.97 3.55
CA GLU A 201 18.37 21.45 3.69
C GLU A 201 17.68 22.01 4.92
N PRO A 202 16.79 22.99 4.74
CA PRO A 202 16.06 23.60 5.85
C PRO A 202 15.21 22.59 6.60
N SER A 203 14.87 21.50 5.91
CA SER A 203 14.06 20.44 6.49
C SER A 203 14.79 19.79 7.66
N SER A 204 16.08 20.11 7.80
CA SER A 204 16.89 19.55 8.87
C SER A 204 17.01 18.03 8.73
N VAL A 205 16.52 17.50 7.61
CA VAL A 205 16.59 16.07 7.35
C VAL A 205 18.02 15.74 6.95
N LYS A 206 18.45 14.51 7.21
CA LYS A 206 19.81 14.11 6.88
C LYS A 206 19.86 13.15 5.70
N ASP A 207 18.73 12.52 5.38
CA ASP A 207 18.69 11.56 4.29
C ASP A 207 17.68 11.88 3.20
N TYR A 208 18.03 11.48 1.97
CA TYR A 208 17.16 11.66 0.81
C TYR A 208 16.49 10.30 0.63
N SER A 209 15.18 10.23 0.85
CA SER A 209 14.53 8.95 0.72
C SER A 209 13.24 8.99 -0.09
N PHE A 210 12.93 7.87 -0.73
CA PHE A 210 11.71 7.73 -1.51
C PHE A 210 11.18 6.36 -1.14
N LEU A 211 9.88 6.26 -0.95
CA LEU A 211 9.28 5.01 -0.50
C LEU A 211 7.84 4.82 -0.95
N GLY A 212 7.31 3.63 -0.72
CA GLY A 212 5.93 3.35 -1.08
C GLY A 212 5.41 2.13 -0.37
N VAL A 213 4.10 1.99 -0.31
CA VAL A 213 3.49 0.83 0.33
C VAL A 213 3.63 -0.36 -0.60
N ILE A 214 3.95 -1.52 -0.05
CA ILE A 214 4.08 -2.71 -0.86
C ILE A 214 2.66 -3.21 -1.11
N ALA A 215 2.29 -3.21 -2.39
CA ALA A 215 0.94 -3.58 -2.78
C ALA A 215 0.84 -4.86 -3.60
N ARG A 216 -0.30 -5.55 -3.45
CA ARG A 216 -0.52 -6.77 -4.22
C ARG A 216 -0.61 -6.40 -5.69
N SER A 217 -0.03 -7.26 -6.53
CA SER A 217 0.00 -7.02 -7.97
C SER A 217 -0.25 -8.30 -8.73
N ALA A 218 -0.62 -8.18 -9.99
CA ALA A 218 -0.85 -9.35 -10.86
C ALA A 218 0.51 -9.87 -11.30
N GLY A 219 1.52 -8.99 -11.29
CA GLY A 219 2.85 -9.39 -11.69
C GLY A 219 3.01 -9.47 -13.19
N VAL A 220 2.00 -9.03 -13.92
CA VAL A 220 2.03 -9.04 -15.37
C VAL A 220 2.64 -7.75 -15.90
N TRP A 221 3.96 -7.67 -15.87
CA TRP A 221 4.67 -6.48 -16.33
C TRP A 221 5.69 -6.79 -17.43
N ASP B 4 -22.45 -13.94 19.05
CA ASP B 4 -21.25 -13.36 18.38
C ASP B 4 -20.62 -12.25 19.23
N THR B 5 -19.83 -12.67 20.22
CA THR B 5 -19.17 -11.73 21.14
C THR B 5 -17.77 -11.36 20.66
N TYR B 6 -17.40 -10.08 20.79
CA TYR B 6 -16.10 -9.60 20.36
C TYR B 6 -15.68 -8.40 21.20
N GLU B 7 -14.39 -8.08 21.18
CA GLU B 7 -13.89 -6.93 21.95
C GLU B 7 -13.26 -5.88 21.04
N ALA B 8 -13.63 -4.63 21.27
CA ALA B 8 -13.11 -3.52 20.48
C ALA B 8 -12.63 -2.41 21.40
N THR B 9 -11.55 -1.74 21.01
CA THR B 9 -11.00 -0.64 21.79
C THR B 9 -11.25 0.69 21.13
N TYR B 10 -11.66 1.67 21.92
CA TYR B 10 -11.96 3.00 21.42
C TYR B 10 -11.24 4.06 22.23
N ALA B 11 -10.69 5.05 21.54
CA ALA B 11 -10.01 6.16 22.18
C ALA B 11 -11.11 7.19 22.41
N ILE B 12 -11.25 7.64 23.65
CA ILE B 12 -12.25 8.64 24.01
C ILE B 12 -11.65 9.54 25.08
N PRO B 13 -11.84 10.86 24.95
CA PRO B 13 -11.27 11.74 25.98
C PRO B 13 -11.94 11.45 27.32
N MSE B 14 -11.15 11.03 28.30
CA MSE B 14 -11.71 10.70 29.61
C MSE B 14 -10.85 11.16 30.78
O MSE B 14 -10.60 10.40 31.73
CB MSE B 14 -11.95 9.19 29.71
CG MSE B 14 -10.70 8.34 29.54
SE MSE B 14 -11.01 6.55 29.72
CE MSE B 14 -11.75 6.17 28.11
N HIS B 15 -10.37 12.40 30.72
CA HIS B 15 -9.54 12.93 31.79
C HIS B 15 -10.30 13.93 32.66
N CYS B 16 -11.55 14.21 32.31
CA CYS B 16 -12.34 15.16 33.09
C CYS B 16 -13.04 14.48 34.26
N GLU B 17 -13.32 15.29 35.29
CA GLU B 17 -13.95 14.82 36.52
C GLU B 17 -15.04 13.77 36.35
N ASN B 18 -16.02 14.04 35.48
CA ASN B 18 -17.12 13.11 35.27
C ASN B 18 -17.07 12.36 33.95
N CYS B 19 -15.92 12.41 33.29
CA CYS B 19 -15.76 11.75 31.99
C CYS B 19 -16.11 10.25 31.96
N VAL B 20 -15.52 9.45 32.84
CA VAL B 20 -15.81 8.02 32.86
C VAL B 20 -17.24 7.73 33.28
N ASN B 21 -17.76 8.51 34.24
CA ASN B 21 -19.13 8.29 34.71
C ASN B 21 -20.16 8.60 33.64
N ASP B 22 -19.91 9.61 32.81
CA ASP B 22 -20.84 9.95 31.74
C ASP B 22 -20.86 8.88 30.66
N ILE B 23 -19.69 8.29 30.38
CA ILE B 23 -19.61 7.24 29.37
C ILE B 23 -20.37 6.02 29.88
N LYS B 24 -20.20 5.68 31.16
CA LYS B 24 -20.90 4.53 31.71
C LYS B 24 -22.42 4.76 31.67
N ALA B 25 -22.84 5.97 32.02
CA ALA B 25 -24.26 6.30 31.97
C ALA B 25 -24.76 6.15 30.54
N CYS B 26 -23.94 6.60 29.60
CA CYS B 26 -24.27 6.53 28.18
C CYS B 26 -24.54 5.11 27.71
N LEU B 27 -23.71 4.16 28.13
CA LEU B 27 -23.84 2.76 27.72
C LEU B 27 -24.60 1.84 28.67
N LYS B 28 -24.99 2.38 29.83
CA LYS B 28 -25.67 1.61 30.86
C LYS B 28 -26.81 0.72 30.40
N ASN B 29 -27.66 1.25 29.52
CA ASN B 29 -28.82 0.51 29.05
C ASN B 29 -28.72 -0.20 27.69
N VAL B 30 -27.51 -0.25 27.14
CA VAL B 30 -27.31 -0.93 25.87
C VAL B 30 -27.30 -2.43 26.15
N PRO B 31 -28.23 -3.17 25.56
CA PRO B 31 -28.26 -4.62 25.80
C PRO B 31 -27.14 -5.34 25.06
N GLY B 32 -26.47 -6.26 25.74
CA GLY B 32 -25.41 -7.01 25.09
C GLY B 32 -23.97 -6.67 25.45
N ILE B 33 -23.76 -5.75 26.39
CA ILE B 33 -22.39 -5.41 26.78
C ILE B 33 -21.96 -6.31 27.93
N ASN B 34 -20.91 -7.09 27.69
CA ASN B 34 -20.41 -8.02 28.70
C ASN B 34 -19.48 -7.34 29.70
N SER B 35 -18.65 -6.42 29.22
CA SER B 35 -17.73 -5.70 30.10
C SER B 35 -17.17 -4.46 29.45
N LEU B 36 -16.85 -3.47 30.27
CA LEU B 36 -16.27 -2.20 29.83
C LEU B 36 -14.99 -2.02 30.64
N ASN B 37 -13.87 -1.85 29.94
CA ASN B 37 -12.59 -1.66 30.61
C ASN B 37 -12.03 -0.29 30.28
N PHE B 38 -11.91 0.57 31.28
CA PHE B 38 -11.37 1.91 31.07
C PHE B 38 -9.91 2.00 31.51
N ASP B 39 -9.07 2.52 30.63
CA ASP B 39 -7.67 2.73 30.95
C ASP B 39 -7.60 4.25 30.93
N ILE B 40 -7.85 4.86 32.09
CA ILE B 40 -7.86 6.31 32.20
C ILE B 40 -6.57 6.97 31.74
N GLU B 41 -5.42 6.37 32.06
CA GLU B 41 -4.15 6.94 31.64
C GLU B 41 -4.08 7.12 30.12
N GLN B 42 -4.25 6.01 29.40
CA GLN B 42 -4.21 6.02 27.93
C GLN B 42 -5.48 6.59 27.30
N GLN B 43 -6.51 6.80 28.11
CA GLN B 43 -7.78 7.31 27.62
C GLN B 43 -8.37 6.41 26.54
N ILE B 44 -8.45 5.12 26.84
CA ILE B 44 -9.03 4.16 25.91
C ILE B 44 -10.02 3.29 26.66
N MSE B 45 -11.04 2.84 25.95
CA MSE B 45 -12.06 1.99 26.54
C MSE B 45 -12.20 0.72 25.71
O MSE B 45 -12.44 0.78 24.50
CB MSE B 45 -13.39 2.74 26.58
CG MSE B 45 -14.57 1.88 27.01
SE MSE B 45 -16.14 2.77 26.90
CE MSE B 45 -16.49 2.64 25.11
N SER B 46 -12.04 -0.42 26.36
CA SER B 46 -12.19 -1.70 25.68
C SER B 46 -13.59 -2.21 25.98
N VAL B 47 -14.35 -2.53 24.94
CA VAL B 47 -15.71 -3.01 25.12
C VAL B 47 -15.91 -4.43 24.60
N GLU B 48 -16.37 -5.31 25.47
CA GLU B 48 -16.64 -6.69 25.10
C GLU B 48 -18.16 -6.79 25.01
N SER B 49 -18.67 -7.18 23.84
CA SER B 49 -20.12 -7.28 23.66
C SER B 49 -20.52 -8.14 22.47
N SER B 50 -21.83 -8.32 22.33
CA SER B 50 -22.41 -9.07 21.23
C SER B 50 -23.28 -8.06 20.48
N VAL B 51 -22.92 -6.79 20.64
CA VAL B 51 -23.67 -5.70 20.02
C VAL B 51 -23.02 -5.22 18.73
N ALA B 52 -23.84 -4.77 17.80
CA ALA B 52 -23.34 -4.25 16.53
C ALA B 52 -22.38 -3.12 16.86
N PRO B 53 -21.18 -3.13 16.26
CA PRO B 53 -20.21 -2.06 16.55
C PRO B 53 -20.78 -0.66 16.31
N SER B 54 -21.61 -0.52 15.28
CA SER B 54 -22.21 0.77 14.97
C SER B 54 -23.13 1.22 16.11
N THR B 55 -23.73 0.27 16.81
CA THR B 55 -24.63 0.60 17.91
C THR B 55 -23.88 1.29 19.04
N ILE B 56 -22.66 0.84 19.31
CA ILE B 56 -21.84 1.45 20.34
C ILE B 56 -21.38 2.84 19.90
N ILE B 57 -20.97 2.95 18.64
CA ILE B 57 -20.51 4.23 18.11
C ILE B 57 -21.65 5.24 18.06
N ASN B 58 -22.81 4.82 17.56
CA ASN B 58 -23.95 5.73 17.47
C ASN B 58 -24.46 6.16 18.84
N THR B 59 -24.45 5.24 19.79
CA THR B 59 -24.92 5.56 21.13
C THR B 59 -24.03 6.61 21.77
N LEU B 60 -22.72 6.42 21.66
CA LEU B 60 -21.76 7.38 22.21
C LEU B 60 -21.95 8.73 21.52
N ARG B 61 -22.28 8.70 20.24
CA ARG B 61 -22.51 9.92 19.49
C ARG B 61 -23.71 10.67 20.06
N ASN B 62 -24.78 9.93 20.37
CA ASN B 62 -25.97 10.55 20.94
C ASN B 62 -25.65 11.20 22.29
N CYS B 63 -24.56 10.76 22.93
CA CYS B 63 -24.16 11.33 24.21
C CYS B 63 -23.11 12.42 24.03
N GLY B 64 -22.87 12.81 22.78
CA GLY B 64 -21.90 13.86 22.49
C GLY B 64 -20.47 13.44 22.70
N LYS B 65 -20.21 12.14 22.60
CA LYS B 65 -18.87 11.62 22.78
C LYS B 65 -18.30 11.09 21.46
N ASP B 66 -17.08 11.52 21.15
CA ASP B 66 -16.42 11.09 19.92
C ASP B 66 -15.52 9.89 20.18
N ALA B 67 -15.96 8.72 19.71
CA ALA B 67 -15.19 7.49 19.89
C ALA B 67 -14.44 7.16 18.61
N ILE B 68 -13.13 6.93 18.74
CA ILE B 68 -12.28 6.61 17.60
C ILE B 68 -11.73 5.21 17.77
N ILE B 69 -11.88 4.35 16.76
CA ILE B 69 -11.36 2.99 16.88
C ILE B 69 -9.86 3.03 17.09
N ARG B 70 -9.37 2.13 17.93
CA ARG B 70 -7.95 2.05 18.27
C ARG B 70 -7.48 0.60 18.16
N GLY B 71 -6.28 0.39 17.65
CA GLY B 71 -5.76 -0.97 17.53
C GLY B 71 -5.46 -1.48 18.92
N ALA B 72 -5.67 -2.77 19.15
CA ALA B 72 -5.43 -3.36 20.46
C ALA B 72 -4.06 -4.04 20.59
N GLY B 73 -3.19 -3.83 19.60
CA GLY B 73 -1.87 -4.41 19.67
C GLY B 73 -1.66 -5.83 19.16
N LYS B 74 -2.73 -6.52 18.77
CA LYS B 74 -2.54 -7.88 18.26
C LYS B 74 -1.90 -7.81 16.87
N PRO B 75 -1.03 -8.78 16.54
CA PRO B 75 -0.35 -8.83 15.25
C PRO B 75 -1.22 -8.65 14.01
N ASN B 76 -0.74 -7.84 13.07
CA ASN B 76 -1.40 -7.59 11.80
C ASN B 76 -2.92 -7.39 11.94
N SER B 77 -3.34 -6.57 12.90
CA SER B 77 -4.75 -6.32 13.12
C SER B 77 -5.22 -4.94 12.67
N SER B 78 -4.32 -3.97 12.64
CA SER B 78 -4.67 -2.60 12.23
C SER B 78 -4.09 -2.20 10.88
N ALA B 79 -4.82 -1.35 10.16
CA ALA B 79 -4.38 -0.90 8.85
C ALA B 79 -4.94 0.48 8.55
N VAL B 80 -4.35 1.13 7.55
CA VAL B 80 -4.78 2.45 7.14
C VAL B 80 -4.65 2.59 5.64
N ALA B 81 -5.52 3.41 5.03
CA ALA B 81 -5.45 3.65 3.61
C ALA B 81 -5.69 5.13 3.37
N ILE B 82 -4.68 5.81 2.85
CA ILE B 82 -4.78 7.24 2.54
C ILE B 82 -5.35 7.28 1.13
N LEU B 83 -6.53 7.87 0.97
CA LEU B 83 -7.21 7.92 -0.32
C LEU B 83 -6.98 9.18 -1.14
N GLU B 84 -6.43 9.00 -2.33
CA GLU B 84 -6.11 10.11 -3.23
C GLU B 84 -6.68 9.90 -4.63
N THR B 85 -6.89 11.00 -5.34
CA THR B 85 -7.37 10.92 -6.72
C THR B 85 -6.12 10.58 -7.52
N PHE B 86 -6.28 9.99 -8.70
CA PHE B 86 -5.12 9.66 -9.51
C PHE B 86 -5.18 10.26 -10.90
N GLN B 87 -6.06 11.23 -11.07
CA GLN B 87 -6.21 11.89 -12.35
C GLN B 87 -6.86 13.24 -12.14
N LYS B 88 -6.72 14.13 -13.12
CA LYS B 88 -7.32 15.44 -13.01
C LYS B 88 -8.80 15.38 -13.38
N TYR B 89 -9.60 16.11 -12.61
CA TYR B 89 -11.03 16.20 -12.85
C TYR B 89 -11.37 17.66 -13.04
N THR B 90 -12.21 17.95 -14.01
CA THR B 90 -12.63 19.32 -14.28
C THR B 90 -13.22 19.96 -13.04
N ILE B 91 -14.05 19.20 -12.31
CA ILE B 91 -14.70 19.69 -11.11
C ILE B 91 -13.82 19.80 -9.88
N ASP B 92 -12.66 19.14 -9.91
CA ASP B 92 -11.75 19.16 -8.77
C ASP B 92 -10.59 20.13 -9.00
N GLN B 93 -10.68 21.31 -8.39
CA GLN B 93 -9.65 22.34 -8.52
C GLN B 93 -8.65 22.39 -7.37
N LYS B 94 -8.76 21.45 -6.43
CA LYS B 94 -7.84 21.41 -5.30
C LYS B 94 -6.51 20.79 -5.75
N LYS B 95 -5.49 21.63 -5.87
CA LYS B 95 -4.18 21.16 -6.34
C LYS B 95 -3.11 21.04 -5.25
N ASP B 96 -3.39 21.56 -4.07
CA ASP B 96 -2.42 21.50 -2.98
C ASP B 96 -2.15 20.05 -2.56
N THR B 97 -3.10 19.17 -2.84
CA THR B 97 -2.97 17.76 -2.50
C THR B 97 -4.02 16.93 -3.22
N ALA B 98 -3.72 15.65 -3.41
CA ALA B 98 -4.63 14.75 -4.07
C ALA B 98 -5.44 13.96 -3.03
N VAL B 99 -5.11 14.14 -1.75
CA VAL B 99 -5.81 13.43 -0.68
C VAL B 99 -7.26 13.89 -0.51
N ARG B 100 -8.18 12.93 -0.52
CA ARG B 100 -9.60 13.23 -0.38
C ARG B 100 -10.29 12.40 0.69
N GLY B 101 -9.56 11.46 1.29
CA GLY B 101 -10.17 10.63 2.31
C GLY B 101 -9.21 9.75 3.07
N LEU B 102 -9.74 9.01 4.05
CA LEU B 102 -8.90 8.14 4.86
C LEU B 102 -9.75 7.01 5.45
N ALA B 103 -9.19 5.80 5.43
CA ALA B 103 -9.89 4.66 6.01
C ALA B 103 -9.00 4.12 7.12
N ARG B 104 -9.55 4.04 8.33
CA ARG B 104 -8.83 3.51 9.48
C ARG B 104 -9.48 2.16 9.72
N ILE B 105 -8.67 1.12 9.78
CA ILE B 105 -9.18 -0.24 9.91
C ILE B 105 -8.66 -1.01 11.12
N VAL B 106 -9.56 -1.63 11.88
CA VAL B 106 -9.16 -2.40 13.05
C VAL B 106 -9.92 -3.71 13.13
N GLN B 107 -9.19 -4.83 13.20
CA GLN B 107 -9.85 -6.14 13.31
C GLN B 107 -10.15 -6.32 14.78
N VAL B 108 -11.38 -6.67 15.11
CA VAL B 108 -11.76 -6.83 16.50
C VAL B 108 -12.21 -8.25 16.83
N GLY B 109 -12.42 -9.05 15.80
CA GLY B 109 -12.86 -10.42 16.00
C GLY B 109 -12.24 -11.35 15.00
N GLU B 110 -12.38 -12.66 15.25
CA GLU B 110 -11.85 -13.69 14.38
C GLU B 110 -12.28 -13.43 12.93
N ASN B 111 -13.52 -13.00 12.75
CA ASN B 111 -14.07 -12.74 11.43
C ASN B 111 -14.82 -11.38 11.42
N LYS B 112 -14.26 -10.38 12.09
CA LYS B 112 -14.92 -9.07 12.13
C LYS B 112 -13.93 -7.92 12.14
N THR B 113 -14.15 -6.95 11.24
CA THR B 113 -13.28 -5.80 11.13
C THR B 113 -14.09 -4.50 11.05
N LEU B 114 -13.61 -3.47 11.76
CA LEU B 114 -14.28 -2.18 11.78
C LEU B 114 -13.55 -1.18 10.90
N PHE B 115 -14.30 -0.34 10.20
CA PHE B 115 -13.75 0.66 9.30
C PHE B 115 -14.24 2.07 9.63
N ASP B 116 -13.30 2.98 9.92
CA ASP B 116 -13.59 4.38 10.23
C ASP B 116 -13.27 5.09 8.93
N ILE B 117 -14.30 5.49 8.19
CA ILE B 117 -14.12 6.12 6.89
C ILE B 117 -14.44 7.60 6.85
N THR B 118 -13.45 8.40 6.46
CA THR B 118 -13.63 9.85 6.37
C THR B 118 -13.37 10.36 4.97
N VAL B 119 -14.22 11.28 4.50
CA VAL B 119 -14.06 11.90 3.19
C VAL B 119 -14.06 13.40 3.44
N ASN B 120 -13.16 14.12 2.80
CA ASN B 120 -13.09 15.55 3.02
C ASN B 120 -12.47 16.27 1.84
N GLY B 121 -13.20 17.26 1.31
CA GLY B 121 -12.69 18.03 0.20
C GLY B 121 -13.16 17.66 -1.19
N VAL B 122 -14.27 16.94 -1.29
CA VAL B 122 -14.77 16.57 -2.60
C VAL B 122 -15.62 17.72 -3.14
N PRO B 123 -15.50 18.02 -4.44
CA PRO B 123 -16.23 19.09 -5.11
C PRO B 123 -17.72 18.85 -5.37
N GLU B 124 -18.13 17.58 -5.45
CA GLU B 124 -19.52 17.25 -5.71
C GLU B 124 -20.17 16.57 -4.51
N ALA B 125 -21.22 17.18 -3.97
CA ALA B 125 -21.92 16.59 -2.83
C ALA B 125 -22.65 15.33 -3.33
N GLY B 126 -22.88 14.37 -2.43
CA GLY B 126 -23.57 13.17 -2.84
C GLY B 126 -23.23 11.95 -1.99
N ASN B 127 -23.71 10.79 -2.41
CA ASN B 127 -23.44 9.55 -1.71
C ASN B 127 -22.28 8.88 -2.41
N TYR B 128 -21.23 8.61 -1.64
CA TYR B 128 -20.05 7.96 -2.19
C TYR B 128 -20.08 6.50 -1.74
N HIS B 129 -19.45 5.63 -2.52
CA HIS B 129 -19.47 4.20 -2.23
C HIS B 129 -18.09 3.62 -2.07
N ALA B 130 -17.93 2.78 -1.05
CA ALA B 130 -16.65 2.16 -0.77
C ALA B 130 -16.57 0.71 -1.24
N SER B 131 -15.36 0.32 -1.64
CA SER B 131 -15.12 -1.03 -2.10
C SER B 131 -13.64 -1.33 -1.94
N ILE B 132 -13.32 -2.61 -1.96
CA ILE B 132 -11.93 -3.03 -1.88
C ILE B 132 -11.68 -3.72 -3.21
N HIS B 133 -10.64 -3.30 -3.92
CA HIS B 133 -10.30 -3.91 -5.19
C HIS B 133 -9.23 -4.97 -4.93
N GLU B 134 -9.17 -5.97 -5.81
CA GLU B 134 -8.22 -7.08 -5.67
C GLU B 134 -6.77 -6.71 -5.47
N LYS B 135 -6.26 -5.82 -6.30
CA LYS B 135 -4.87 -5.40 -6.23
C LYS B 135 -4.71 -4.00 -5.68
N GLY B 136 -3.54 -3.72 -5.12
CA GLY B 136 -3.26 -2.40 -4.58
C GLY B 136 -2.39 -1.63 -5.56
N ASP B 137 -2.10 -2.26 -6.70
CA ASP B 137 -1.26 -1.66 -7.74
C ASP B 137 -1.94 -0.41 -8.29
N VAL B 138 -1.37 0.77 -8.02
CA VAL B 138 -1.95 2.01 -8.51
C VAL B 138 -1.06 2.65 -9.56
N SER B 139 -0.26 1.82 -10.22
CA SER B 139 0.65 2.31 -11.26
C SER B 139 -0.16 2.96 -12.39
N LYS B 140 -1.46 2.72 -12.39
CA LYS B 140 -2.34 3.27 -13.41
C LYS B 140 -3.69 3.66 -12.80
N GLY B 141 -3.65 4.20 -11.58
CA GLY B 141 -4.88 4.58 -10.92
C GLY B 141 -5.74 3.35 -10.63
N VAL B 142 -7.05 3.54 -10.57
CA VAL B 142 -7.96 2.44 -10.29
C VAL B 142 -7.88 1.32 -11.32
N GLU B 143 -7.48 1.65 -12.54
CA GLU B 143 -7.40 0.64 -13.59
C GLU B 143 -6.51 -0.54 -13.22
N SER B 144 -5.34 -0.28 -12.65
CA SER B 144 -4.43 -1.36 -12.29
C SER B 144 -4.78 -2.11 -11.00
N THR B 145 -5.85 -1.70 -10.32
CA THR B 145 -6.25 -2.38 -9.08
C THR B 145 -7.11 -3.62 -9.32
N GLY B 146 -7.40 -3.90 -10.59
CA GLY B 146 -8.20 -5.07 -10.90
C GLY B 146 -9.67 -5.00 -10.53
N LYS B 147 -10.28 -6.18 -10.42
CA LYS B 147 -11.70 -6.30 -10.12
C LYS B 147 -12.11 -5.98 -8.70
N VAL B 148 -13.40 -5.68 -8.52
CA VAL B 148 -13.94 -5.40 -7.20
C VAL B 148 -13.86 -6.70 -6.41
N TRP B 149 -13.22 -6.65 -5.24
CA TRP B 149 -13.04 -7.81 -4.38
C TRP B 149 -14.11 -7.87 -3.29
N HIS B 150 -14.50 -6.72 -2.76
CA HIS B 150 -15.56 -6.63 -1.75
C HIS B 150 -16.26 -5.30 -1.92
N LYS B 151 -17.58 -5.30 -1.86
CA LYS B 151 -18.33 -4.06 -2.00
C LYS B 151 -19.07 -3.77 -0.70
N PHE B 152 -18.91 -2.57 -0.16
CA PHE B 152 -19.61 -2.19 1.07
C PHE B 152 -20.95 -1.60 0.66
N ASP B 153 -22.03 -2.10 1.24
CA ASP B 153 -23.35 -1.60 0.90
C ASP B 153 -23.67 -0.22 1.46
N GLU B 154 -23.15 0.09 2.64
CA GLU B 154 -23.42 1.38 3.27
C GLU B 154 -22.67 2.53 2.61
N PRO B 155 -23.41 3.53 2.11
CA PRO B 155 -22.77 4.68 1.46
C PRO B 155 -22.17 5.68 2.45
N ILE B 156 -21.34 6.57 1.93
CA ILE B 156 -20.74 7.62 2.73
C ILE B 156 -21.46 8.88 2.25
N GLU B 157 -22.30 9.45 3.12
CA GLU B 157 -23.06 10.64 2.77
C GLU B 157 -22.17 11.87 2.87
N CYS B 158 -21.92 12.52 1.75
CA CYS B 158 -21.06 13.68 1.75
C CYS B 158 -21.80 14.95 1.38
N PHE B 159 -22.41 15.58 2.38
CA PHE B 159 -23.16 16.82 2.18
C PHE B 159 -22.73 17.90 3.17
N ASN B 160 -21.87 17.54 4.13
CA ASN B 160 -21.41 18.52 5.12
C ASN B 160 -20.42 19.49 4.49
N GLU B 161 -20.36 20.70 5.05
CA GLU B 161 -19.42 21.70 4.55
C GLU B 161 -18.01 21.28 4.98
N SER B 162 -17.07 21.29 4.05
CA SER B 162 -15.70 20.91 4.36
C SER B 162 -14.97 21.99 5.15
N ASP B 163 -14.31 21.57 6.22
CA ASP B 163 -13.55 22.50 7.05
C ASP B 163 -12.30 22.91 6.29
N LEU B 164 -11.99 22.16 5.24
CA LEU B 164 -10.80 22.39 4.43
C LEU B 164 -11.12 22.84 3.01
N GLY B 165 -11.47 24.11 2.84
CA GLY B 165 -11.76 24.60 1.51
C GLY B 165 -13.09 25.32 1.35
N LYS B 166 -13.25 25.97 0.20
CA LYS B 166 -14.47 26.71 -0.10
C LYS B 166 -15.37 25.93 -1.05
N ASN B 167 -16.62 25.75 -0.64
CA ASN B 167 -17.62 25.03 -1.42
C ASN B 167 -17.29 23.56 -1.66
N LEU B 168 -16.57 22.96 -0.73
CA LEU B 168 -16.22 21.54 -0.83
C LEU B 168 -17.04 20.78 0.21
N TYR B 169 -17.14 19.46 0.07
CA TYR B 169 -17.93 18.68 1.01
C TYR B 169 -17.16 17.59 1.75
N SER B 170 -17.73 17.12 2.85
CA SER B 170 -17.12 16.08 3.66
C SER B 170 -18.17 15.12 4.18
N GLY B 171 -17.71 13.97 4.67
CA GLY B 171 -18.64 12.97 5.19
C GLY B 171 -17.89 11.91 5.96
N LYS B 172 -18.62 11.07 6.67
CA LYS B 172 -17.97 10.01 7.42
C LYS B 172 -18.92 8.86 7.65
N THR B 173 -18.37 7.66 7.68
CA THR B 173 -19.17 6.47 7.90
C THR B 173 -18.35 5.46 8.70
N PHE B 174 -19.05 4.67 9.49
CA PHE B 174 -18.43 3.63 10.30
C PHE B 174 -19.07 2.33 9.81
N LEU B 175 -18.24 1.42 9.31
CA LEU B 175 -18.73 0.16 8.77
C LEU B 175 -18.09 -1.04 9.45
N SER B 176 -18.74 -2.20 9.28
CA SER B 176 -18.25 -3.45 9.83
C SER B 176 -18.33 -4.51 8.73
N ALA B 177 -17.29 -5.33 8.62
CA ALA B 177 -17.29 -6.38 7.60
C ALA B 177 -16.54 -7.61 8.10
N PRO B 178 -16.99 -8.81 7.68
CA PRO B 178 -16.36 -10.07 8.08
C PRO B 178 -15.10 -10.32 7.29
N LEU B 179 -14.15 -9.38 7.37
CA LEU B 179 -12.91 -9.47 6.63
C LEU B 179 -11.68 -9.17 7.47
N PRO B 180 -11.01 -10.23 7.98
CA PRO B 180 -9.81 -9.99 8.79
C PRO B 180 -8.79 -9.12 8.07
N THR B 181 -8.02 -8.36 8.83
CA THR B 181 -7.02 -7.47 8.27
C THR B 181 -6.00 -8.12 7.33
N TRP B 182 -5.58 -9.34 7.61
CA TRP B 182 -4.60 -9.97 6.73
C TRP B 182 -5.13 -10.15 5.30
N GLN B 183 -6.44 -10.19 5.13
CA GLN B 183 -7.04 -10.32 3.79
C GLN B 183 -7.07 -8.98 3.07
N LEU B 184 -7.00 -7.90 3.83
CA LEU B 184 -7.09 -6.55 3.28
C LEU B 184 -5.78 -5.85 2.93
N ILE B 185 -4.73 -6.06 3.73
CA ILE B 185 -3.46 -5.39 3.47
C ILE B 185 -2.92 -5.68 2.07
N GLY B 186 -2.39 -4.65 1.43
CA GLY B 186 -1.83 -4.80 0.10
C GLY B 186 -2.85 -4.57 -1.00
N ARG B 187 -4.14 -4.66 -0.65
CA ARG B 187 -5.19 -4.43 -1.64
C ARG B 187 -5.51 -2.94 -1.64
N SER B 188 -6.45 -2.50 -2.47
CA SER B 188 -6.77 -1.08 -2.50
C SER B 188 -8.14 -0.77 -1.93
N PHE B 189 -8.22 0.36 -1.24
CA PHE B 189 -9.48 0.81 -0.69
C PHE B 189 -9.91 1.91 -1.63
N VAL B 190 -11.10 1.77 -2.21
CA VAL B 190 -11.60 2.72 -3.21
C VAL B 190 -12.95 3.33 -2.86
N ILE B 191 -13.05 4.66 -3.01
CA ILE B 191 -14.32 5.33 -2.78
C ILE B 191 -14.63 6.06 -4.09
N SER B 192 -15.87 5.95 -4.56
CA SER B 192 -16.23 6.63 -5.80
C SER B 192 -17.70 6.98 -5.89
N LYS B 193 -18.01 7.83 -6.85
CA LYS B 193 -19.37 8.27 -7.13
C LYS B 193 -19.42 8.62 -8.60
N SER B 194 -20.56 8.37 -9.22
CA SER B 194 -20.72 8.71 -10.63
C SER B 194 -20.63 10.23 -10.74
N LEU B 195 -19.92 10.72 -11.75
CA LEU B 195 -19.82 12.16 -11.97
C LEU B 195 -21.20 12.62 -12.40
N ASN B 196 -21.62 13.79 -11.92
CA ASN B 196 -22.93 14.31 -12.29
C ASN B 196 -22.97 14.73 -13.76
N HIS B 197 -21.87 15.30 -14.25
CA HIS B 197 -21.79 15.79 -15.62
C HIS B 197 -20.55 15.28 -16.36
N PRO B 198 -20.55 13.99 -16.73
CA PRO B 198 -19.42 13.37 -17.43
C PRO B 198 -19.01 14.05 -18.75
N GLU B 199 -19.95 14.75 -19.38
CA GLU B 199 -19.67 15.43 -20.64
C GLU B 199 -18.54 16.45 -20.51
N ASN B 200 -18.47 17.12 -19.37
CA ASN B 200 -17.44 18.13 -19.15
C ASN B 200 -16.09 17.55 -18.77
N GLU B 201 -16.01 16.23 -18.73
CA GLU B 201 -14.76 15.56 -18.39
C GLU B 201 -14.09 15.06 -19.66
N PRO B 202 -13.04 15.76 -20.12
CA PRO B 202 -12.29 15.41 -21.33
C PRO B 202 -11.64 14.03 -21.31
N SER B 203 -11.36 13.54 -20.11
CA SER B 203 -10.74 12.22 -19.97
C SER B 203 -11.76 11.11 -20.23
N SER B 204 -12.99 11.51 -20.50
CA SER B 204 -14.08 10.57 -20.77
C SER B 204 -14.30 9.60 -19.61
N VAL B 205 -13.90 10.00 -18.42
CA VAL B 205 -14.06 9.18 -17.22
C VAL B 205 -15.52 9.31 -16.81
N LYS B 206 -16.06 8.29 -16.14
CA LYS B 206 -17.45 8.34 -15.70
C LYS B 206 -17.61 8.46 -14.19
N ASP B 207 -16.58 8.06 -13.46
CA ASP B 207 -16.64 8.11 -12.00
C ASP B 207 -15.55 8.97 -11.38
N TYR B 208 -15.90 9.60 -10.27
CA TYR B 208 -14.96 10.40 -9.50
C TYR B 208 -14.48 9.44 -8.43
N SER B 209 -13.19 9.10 -8.42
CA SER B 209 -12.71 8.17 -7.42
C SER B 209 -11.38 8.54 -6.77
N PHE B 210 -11.22 8.14 -5.52
CA PHE B 210 -9.99 8.36 -4.77
C PHE B 210 -9.71 7.05 -4.06
N LEU B 211 -8.44 6.66 -4.03
CA LEU B 211 -8.08 5.37 -3.46
C LEU B 211 -6.68 5.32 -2.88
N GLY B 212 -6.38 4.21 -2.20
CA GLY B 212 -5.07 4.06 -1.61
C GLY B 212 -4.79 2.61 -1.26
N VAL B 213 -3.52 2.27 -1.15
CA VAL B 213 -3.15 0.91 -0.79
C VAL B 213 -3.41 0.73 0.69
N ILE B 214 -3.98 -0.41 1.06
CA ILE B 214 -4.25 -0.66 2.48
C ILE B 214 -2.91 -1.09 3.10
N ALA B 215 -2.43 -0.28 4.04
CA ALA B 215 -1.13 -0.51 4.69
C ALA B 215 -1.22 -0.95 6.14
N ARG B 216 -0.21 -1.70 6.58
CA ARG B 216 -0.18 -2.12 7.97
C ARG B 216 0.02 -0.85 8.80
N SER B 217 -0.66 -0.77 9.94
CA SER B 217 -0.58 0.40 10.81
C SER B 217 -0.48 -0.01 12.26
N ALA B 218 -0.04 0.92 13.11
CA ALA B 218 0.06 0.66 14.54
C ALA B 218 -1.36 0.73 15.11
N GLY B 219 -2.23 1.44 14.42
CA GLY B 219 -3.60 1.57 14.86
C GLY B 219 -3.85 2.69 15.86
N VAL B 220 -3.01 3.71 15.82
CA VAL B 220 -3.18 4.85 16.72
C VAL B 220 -3.57 6.07 15.90
N TRP B 221 -4.77 6.57 16.13
CA TRP B 221 -5.24 7.73 15.37
C TRP B 221 -5.80 8.84 16.26
N GLU B 222 -5.21 10.02 16.11
CA GLU B 222 -5.60 11.22 16.85
C GLU B 222 -6.24 10.92 18.21
S SO4 C . -4.58 -12.45 -4.22
O1 SO4 C . -5.47 -11.48 -4.90
O2 SO4 C . -3.92 -13.30 -5.24
O3 SO4 C . -3.57 -11.72 -3.43
O4 SO4 C . -5.38 -13.31 -3.32
S SO4 D . 2.77 -7.44 11.88
O1 SO4 D . 1.90 -6.90 10.82
O2 SO4 D . 2.87 -8.91 11.73
O3 SO4 D . 4.12 -6.84 11.77
O4 SO4 D . 2.20 -7.12 13.20
#